data_2IRY
#
_entry.id   2IRY
#
_cell.length_a   41.221
_cell.length_b   75.870
_cell.length_c   95.809
_cell.angle_alpha   90.00
_cell.angle_beta   92.59
_cell.angle_gamma   90.00
#
_symmetry.space_group_name_H-M   'P 1 21 1'
#
loop_
_entity.id
_entity.type
_entity.pdbx_description
1 polymer 'DNA ligase-like protein Rv0938/MT0965'
2 non-polymer 'MANGANESE (II) ION'
3 non-polymer "2'-DEOXYGUANOSINE-5'-TRIPHOSPHATE"
4 water water
#
_entity_poly.entity_id   1
_entity_poly.type   'polypeptide(L)'
_entity_poly.pdbx_seq_one_letter_code
;GSHMGSASEQRVTLTNADKVLYPATGTTKSDIFDYYAGVAEVMLGHIAGRPATRKRWPNGVDQPAFFEKQLALSAPPWLS
RATVAHRSGTTTYPIIDSATGLAWIAQQAALEVHVPQWRFVAEPGSGELNPGPATRLVFDLDPGEGVMMAQLAEVARAVR
DLLADIGLVTFPVTSGSKGLHLYTPLDEPVSSRGATVLAKRVAQRLEQAMPALVTSTMTKSLRAGKVFVDWSQNSGSKTT
IAPYSLRGRTHPTVAAPRTWAELDDPALRQLSYDEVLTRIARDGDLLERLDADAPVADRLTRY
;
_entity_poly.pdbx_strand_id   A,B
#
loop_
_chem_comp.id
_chem_comp.type
_chem_comp.name
_chem_comp.formula
DGT non-polymer 2'-DEOXYGUANOSINE-5'-TRIPHOSPHATE 'C10 H16 N5 O13 P3'
MN non-polymer 'MANGANESE (II) ION' 'Mn 2'
#
# COMPACT_ATOMS: atom_id res chain seq x y z
N GLY A 5 -44.39 -17.43 -2.89
CA GLY A 5 -43.18 -17.29 -3.75
C GLY A 5 -41.92 -16.99 -2.95
N SER A 6 -40.77 -17.05 -3.61
CA SER A 6 -39.48 -16.79 -2.95
C SER A 6 -39.20 -15.30 -2.81
N ALA A 7 -38.91 -14.89 -1.58
CA ALA A 7 -38.59 -13.49 -1.26
C ALA A 7 -37.39 -12.95 -2.04
N SER A 8 -36.41 -13.82 -2.32
CA SER A 8 -35.17 -13.37 -2.93
C SER A 8 -35.15 -13.55 -4.44
N GLU A 9 -36.30 -13.89 -5.04
CA GLU A 9 -36.37 -14.13 -6.50
C GLU A 9 -35.96 -12.90 -7.32
N GLN A 10 -35.00 -13.08 -8.24
CA GLN A 10 -34.53 -11.98 -9.09
C GLN A 10 -35.29 -11.99 -10.40
N ARG A 11 -35.94 -10.88 -10.69
CA ARG A 11 -36.70 -10.71 -11.93
C ARG A 11 -36.47 -9.33 -12.51
N VAL A 12 -36.38 -9.25 -13.85
CA VAL A 12 -36.27 -7.97 -14.55
C VAL A 12 -37.23 -8.00 -15.71
N THR A 13 -38.01 -6.93 -15.84
CA THR A 13 -38.91 -6.78 -16.99
C THR A 13 -38.31 -5.75 -17.98
N LEU A 14 -38.02 -6.23 -19.18
CA LEU A 14 -37.53 -5.35 -20.24
C LEU A 14 -38.69 -4.52 -20.79
N THR A 15 -38.54 -3.20 -20.74
CA THR A 15 -39.48 -2.31 -21.38
C THR A 15 -38.87 -1.69 -22.61
N ASN A 16 -39.72 -1.21 -23.52
CA ASN A 16 -39.27 -0.50 -24.74
C ASN A 16 -38.18 -1.29 -25.48
N ALA A 17 -38.44 -2.59 -25.67
CA ALA A 17 -37.48 -3.50 -26.32
C ALA A 17 -37.05 -3.02 -27.72
N ASP A 18 -37.97 -2.37 -28.42
CA ASP A 18 -37.70 -1.86 -29.76
C ASP A 18 -36.93 -0.53 -29.77
N LYS A 19 -36.69 0.06 -28.60
CA LYS A 19 -36.11 1.41 -28.56
C LYS A 19 -34.66 1.42 -29.06
N VAL A 20 -34.32 2.28 -30.04
CA VAL A 20 -32.95 2.29 -30.58
C VAL A 20 -32.10 3.12 -29.61
N LEU A 21 -31.04 2.50 -29.10
CA LEU A 21 -30.05 3.22 -28.30
C LEU A 21 -28.79 3.70 -29.02
N TYR A 22 -28.47 3.10 -30.18
CA TYR A 22 -27.37 3.53 -31.01
C TYR A 22 -27.92 3.84 -32.42
N PRO A 23 -28.30 5.10 -32.67
CA PRO A 23 -28.91 5.47 -33.97
C PRO A 23 -28.07 5.09 -35.21
N ALA A 24 -26.75 5.11 -35.09
CA ALA A 24 -25.89 4.89 -36.27
C ALA A 24 -26.03 3.45 -36.80
N THR A 25 -26.26 2.50 -35.88
CA THR A 25 -26.30 1.08 -36.17
C THR A 25 -27.70 0.47 -35.97
N GLY A 26 -28.62 1.25 -35.39
CA GLY A 26 -30.00 0.78 -35.10
C GLY A 26 -30.06 -0.24 -33.94
N THR A 27 -28.99 -0.27 -33.14
CA THR A 27 -28.91 -1.24 -32.02
C THR A 27 -29.94 -0.90 -30.94
N THR A 28 -30.75 -1.89 -30.53
CA THR A 28 -31.92 -1.67 -29.66
C THR A 28 -31.69 -2.14 -28.22
N LYS A 29 -32.63 -1.80 -27.36
CA LYS A 29 -32.67 -2.29 -25.97
C LYS A 29 -32.67 -3.81 -25.97
N SER A 30 -33.43 -4.41 -26.86
CA SER A 30 -33.44 -5.88 -26.93
C SER A 30 -32.07 -6.46 -27.30
N ASP A 31 -31.35 -5.77 -28.19
CA ASP A 31 -30.01 -6.21 -28.61
C ASP A 31 -29.11 -6.23 -27.38
N ILE A 32 -29.19 -5.14 -26.62
CA ILE A 32 -28.35 -4.93 -25.44
C ILE A 32 -28.68 -5.97 -24.35
N PHE A 33 -29.98 -6.20 -24.16
CA PHE A 33 -30.46 -7.17 -23.21
C PHE A 33 -29.88 -8.57 -23.58
N ASP A 34 -29.96 -8.96 -24.85
CA ASP A 34 -29.42 -10.25 -25.26
C ASP A 34 -27.90 -10.30 -25.13
N TYR A 35 -27.25 -9.18 -25.45
CA TYR A 35 -25.79 -9.08 -25.33
C TYR A 35 -25.35 -9.36 -23.89
N TYR A 36 -25.96 -8.66 -22.94
CA TYR A 36 -25.59 -8.84 -21.53
C TYR A 36 -25.94 -10.24 -21.00
N ALA A 37 -27.01 -10.82 -21.51
CA ALA A 37 -27.28 -12.26 -21.21
C ALA A 37 -26.18 -13.16 -21.76
N GLY A 38 -25.77 -12.87 -23.00
CA GLY A 38 -24.72 -13.61 -23.74
C GLY A 38 -23.34 -13.57 -23.07
N VAL A 39 -23.00 -12.45 -22.45
CA VAL A 39 -21.67 -12.29 -21.83
C VAL A 39 -21.65 -12.50 -20.32
N ALA A 40 -22.83 -12.66 -19.70
CA ALA A 40 -22.92 -12.85 -18.25
C ALA A 40 -21.89 -13.83 -17.66
N GLU A 41 -21.81 -15.04 -18.23
CA GLU A 41 -20.96 -16.07 -17.70
C GLU A 41 -19.50 -15.61 -17.67
N VAL A 42 -19.04 -14.95 -18.72
CA VAL A 42 -17.63 -14.54 -18.77
C VAL A 42 -17.37 -13.18 -18.10
N MET A 43 -18.40 -12.32 -18.09
CA MET A 43 -18.27 -10.97 -17.52
C MET A 43 -18.29 -10.99 -15.99
N LEU A 44 -19.14 -11.82 -15.40
CA LEU A 44 -19.44 -11.71 -13.98
C LEU A 44 -18.22 -11.83 -13.09
N GLY A 45 -17.32 -12.75 -13.45
CA GLY A 45 -16.14 -13.05 -12.62
C GLY A 45 -15.28 -11.81 -12.38
N HIS A 46 -15.28 -10.90 -13.36
CA HIS A 46 -14.42 -9.69 -13.33
C HIS A 46 -15.05 -8.45 -12.69
N ILE A 47 -16.34 -8.56 -12.36
CA ILE A 47 -17.07 -7.51 -11.61
C ILE A 47 -17.60 -7.97 -10.23
N ALA A 48 -17.58 -9.29 -10.00
CA ALA A 48 -17.95 -9.86 -8.70
C ALA A 48 -17.23 -9.16 -7.53
N GLY A 49 -18.00 -8.85 -6.49
CA GLY A 49 -17.43 -8.23 -5.30
C GLY A 49 -17.06 -6.75 -5.45
N ARG A 50 -17.31 -6.15 -6.63
CA ARG A 50 -16.87 -4.75 -6.87
C ARG A 50 -18.06 -3.79 -6.90
N PRO A 51 -17.88 -2.56 -6.37
CA PRO A 51 -18.97 -1.58 -6.53
C PRO A 51 -19.09 -1.20 -8.01
N ALA A 52 -20.31 -1.32 -8.53
CA ALA A 52 -20.56 -1.03 -9.93
C ALA A 52 -21.11 0.38 -10.14
N THR A 53 -20.29 1.21 -10.77
CA THR A 53 -20.73 2.53 -11.28
C THR A 53 -21.37 2.37 -12.65
N ARG A 54 -22.55 2.97 -12.83
CA ARG A 54 -23.25 2.91 -14.11
C ARG A 54 -23.09 4.23 -14.86
N LYS A 55 -23.00 4.16 -16.18
CA LYS A 55 -23.29 5.33 -17.00
C LYS A 55 -24.51 5.01 -17.89
N ARG A 56 -25.53 5.85 -17.80
CA ARG A 56 -26.83 5.58 -18.42
C ARG A 56 -27.14 6.57 -19.53
N TRP A 57 -27.71 6.05 -20.62
CA TRP A 57 -28.17 6.85 -21.74
C TRP A 57 -29.65 6.49 -21.98
N PRO A 58 -30.58 7.07 -21.17
CA PRO A 58 -31.99 6.65 -21.23
C PRO A 58 -32.59 6.73 -22.66
N ASN A 59 -32.19 7.70 -23.48
CA ASN A 59 -32.69 7.72 -24.86
C ASN A 59 -31.55 7.52 -25.89
N GLY A 60 -30.50 6.83 -25.46
CA GLY A 60 -29.42 6.45 -26.39
C GLY A 60 -28.28 7.44 -26.51
N VAL A 61 -27.33 7.08 -27.37
CA VAL A 61 -25.99 7.71 -27.35
C VAL A 61 -25.95 9.13 -27.95
N ASP A 62 -26.99 9.51 -28.67
CA ASP A 62 -27.15 10.89 -29.20
C ASP A 62 -27.97 11.80 -28.27
N GLN A 63 -28.31 11.29 -27.09
CA GLN A 63 -29.06 12.07 -26.11
C GLN A 63 -28.27 12.10 -24.80
N PRO A 64 -28.63 13.05 -23.89
CA PRO A 64 -27.80 13.21 -22.67
C PRO A 64 -27.64 11.94 -21.84
N ALA A 65 -26.47 11.83 -21.20
CA ALA A 65 -26.11 10.71 -20.34
C ALA A 65 -25.73 11.18 -18.94
N PHE A 66 -25.78 10.25 -17.98
CA PHE A 66 -25.34 10.54 -16.63
C PHE A 66 -24.68 9.35 -15.95
N PHE A 67 -23.67 9.64 -15.11
CA PHE A 67 -23.09 8.62 -14.22
C PHE A 67 -24.01 8.45 -13.01
N GLU A 68 -24.07 7.24 -12.49
CA GLU A 68 -24.79 6.96 -11.26
C GLU A 68 -23.98 6.03 -10.39
N LYS A 69 -23.86 6.40 -9.11
CA LYS A 69 -23.07 5.62 -8.16
C LYS A 69 -23.95 5.02 -7.09
N GLN A 70 -24.51 5.86 -6.22
CA GLN A 70 -25.48 5.39 -5.21
C GLN A 70 -26.57 4.51 -5.86
N LEU A 71 -26.92 3.42 -5.20
CA LEU A 71 -28.01 2.57 -5.68
C LEU A 71 -29.33 3.20 -5.19
N ALA A 72 -30.16 3.67 -6.13
CA ALA A 72 -31.47 4.27 -5.78
C ALA A 72 -32.42 3.30 -5.09
N LEU A 73 -33.27 3.82 -4.20
CA LEU A 73 -34.22 2.94 -3.52
C LEU A 73 -35.20 2.27 -4.53
N SER A 74 -35.40 2.90 -5.68
CA SER A 74 -36.27 2.34 -6.73
C SER A 74 -35.71 1.07 -7.39
N ALA A 75 -34.42 0.81 -7.20
CA ALA A 75 -33.78 -0.37 -7.78
C ALA A 75 -34.26 -1.66 -7.07
N PRO A 76 -34.23 -2.81 -7.80
CA PRO A 76 -34.69 -4.06 -7.19
C PRO A 76 -34.06 -4.35 -5.83
N PRO A 77 -34.88 -4.74 -4.84
CA PRO A 77 -34.31 -5.04 -3.51
C PRO A 77 -33.38 -6.26 -3.46
N TRP A 78 -33.49 -7.15 -4.45
CA TRP A 78 -32.65 -8.37 -4.48
C TRP A 78 -31.19 -8.11 -4.93
N LEU A 79 -30.89 -6.92 -5.43
CA LEU A 79 -29.51 -6.60 -5.84
C LEU A 79 -28.60 -6.54 -4.60
N SER A 80 -27.45 -7.23 -4.67
CA SER A 80 -26.39 -7.08 -3.66
C SER A 80 -25.92 -5.63 -3.62
N ARG A 81 -25.52 -5.19 -2.44
CA ARG A 81 -25.02 -3.83 -2.30
C ARG A 81 -24.08 -3.74 -1.12
N ALA A 82 -23.25 -2.70 -1.14
CA ALA A 82 -22.30 -2.46 -0.04
C ALA A 82 -21.89 -1.00 -0.06
N THR A 83 -21.39 -0.54 1.07
CA THR A 83 -21.16 0.87 1.29
C THR A 83 -19.67 1.23 1.31
N VAL A 84 -19.36 2.40 0.78
CA VAL A 84 -18.00 2.93 0.83
C VAL A 84 -18.08 4.24 1.63
N ALA A 85 -17.27 4.35 2.68
CA ALA A 85 -17.21 5.61 3.43
C ALA A 85 -16.05 6.42 2.88
N HIS A 86 -16.36 7.56 2.24
CA HIS A 86 -15.33 8.49 1.74
C HIS A 86 -15.18 9.75 2.61
N ARG A 87 -14.30 10.67 2.22
CA ARG A 87 -14.04 11.91 2.98
C ARG A 87 -15.27 12.80 3.19
N SER A 88 -16.06 12.97 2.13
CA SER A 88 -17.24 13.86 2.14
C SER A 88 -18.55 13.19 2.57
N GLY A 89 -18.60 11.86 2.50
CA GLY A 89 -19.78 11.14 2.94
C GLY A 89 -19.73 9.63 2.86
N THR A 90 -20.79 9.05 2.33
CA THR A 90 -20.97 7.61 2.28
C THR A 90 -21.79 7.24 1.04
N THR A 91 -21.37 6.22 0.31
CA THR A 91 -22.09 5.82 -0.91
C THR A 91 -22.34 4.33 -0.89
N THR A 92 -23.59 3.95 -1.14
CA THR A 92 -23.94 2.53 -1.22
C THR A 92 -24.09 2.15 -2.70
N TYR A 93 -23.25 1.24 -3.15
CA TYR A 93 -23.24 0.81 -4.57
C TYR A 93 -23.90 -0.56 -4.76
N PRO A 94 -24.44 -0.85 -5.98
CA PRO A 94 -24.84 -2.21 -6.33
C PRO A 94 -23.60 -3.03 -6.60
N ILE A 95 -23.70 -4.32 -6.34
CA ILE A 95 -22.66 -5.26 -6.73
C ILE A 95 -23.38 -6.21 -7.67
N ILE A 96 -22.90 -6.29 -8.90
CA ILE A 96 -23.55 -7.12 -9.93
C ILE A 96 -22.85 -8.47 -9.89
N ASP A 97 -23.61 -9.50 -9.52
CA ASP A 97 -23.06 -10.83 -9.28
C ASP A 97 -23.99 -11.95 -9.79
N SER A 98 -24.88 -11.62 -10.72
CA SER A 98 -25.78 -12.60 -11.33
C SER A 98 -26.19 -12.13 -12.71
N ALA A 99 -26.63 -13.08 -13.53
CA ALA A 99 -27.11 -12.77 -14.88
C ALA A 99 -28.28 -11.78 -14.82
N THR A 100 -29.16 -11.95 -13.83
CA THR A 100 -30.33 -11.04 -13.70
C THR A 100 -29.93 -9.61 -13.31
N GLY A 101 -28.84 -9.48 -12.55
CA GLY A 101 -28.24 -8.15 -12.27
C GLY A 101 -27.83 -7.45 -13.59
N LEU A 102 -27.22 -8.21 -14.48
CA LEU A 102 -26.85 -7.70 -15.81
C LEU A 102 -28.06 -7.41 -16.67
N ALA A 103 -29.12 -8.20 -16.52
CA ALA A 103 -30.41 -7.88 -17.15
C ALA A 103 -30.96 -6.51 -16.68
N TRP A 104 -30.81 -6.23 -15.37
CA TRP A 104 -31.16 -4.93 -14.76
C TRP A 104 -30.30 -3.80 -15.39
N ILE A 105 -29.01 -4.03 -15.54
CA ILE A 105 -28.09 -3.08 -16.18
C ILE A 105 -28.64 -2.74 -17.60
N ALA A 106 -29.00 -3.75 -18.36
CA ALA A 106 -29.58 -3.55 -19.71
C ALA A 106 -30.87 -2.72 -19.67
N GLN A 107 -31.78 -3.13 -18.79
CA GLN A 107 -33.07 -2.45 -18.64
C GLN A 107 -32.94 -0.98 -18.25
N GLN A 108 -31.92 -0.68 -17.46
CA GLN A 108 -31.54 0.66 -17.03
C GLN A 108 -30.94 1.56 -18.14
N ALA A 109 -30.66 0.96 -19.32
CA ALA A 109 -29.90 1.60 -20.38
C ALA A 109 -28.56 2.04 -19.78
N ALA A 110 -28.09 1.27 -18.79
CA ALA A 110 -26.73 1.46 -18.28
C ALA A 110 -25.76 0.79 -19.25
N LEU A 111 -25.47 1.49 -20.35
CA LEU A 111 -24.61 0.87 -21.35
C LEU A 111 -23.25 0.52 -20.77
N GLU A 112 -22.80 1.37 -19.87
CA GLU A 112 -21.45 1.16 -19.33
C GLU A 112 -21.49 0.76 -17.86
N VAL A 113 -20.65 -0.23 -17.51
CA VAL A 113 -20.46 -0.66 -16.13
C VAL A 113 -18.97 -0.39 -15.85
N HIS A 114 -18.69 0.33 -14.76
CA HIS A 114 -17.32 0.74 -14.39
C HIS A 114 -17.05 0.21 -12.97
N VAL A 115 -15.87 -0.38 -12.74
CA VAL A 115 -15.52 -0.96 -11.44
C VAL A 115 -14.10 -0.57 -11.03
N PRO A 116 -13.82 -0.50 -9.71
CA PRO A 116 -12.43 -0.34 -9.29
C PRO A 116 -11.69 -1.69 -9.25
N GLN A 117 -10.41 -1.64 -8.87
CA GLN A 117 -9.53 -2.81 -8.91
C GLN A 117 -9.50 -3.58 -7.57
N TRP A 118 -10.31 -3.13 -6.61
CA TRP A 118 -10.46 -3.79 -5.30
C TRP A 118 -11.85 -4.41 -5.20
N ARG A 119 -11.99 -5.35 -4.27
CA ARG A 119 -13.29 -5.98 -3.97
C ARG A 119 -13.64 -5.76 -2.51
N PHE A 120 -14.94 -5.73 -2.25
CA PHE A 120 -15.46 -5.78 -0.88
C PHE A 120 -15.07 -7.09 -0.23
N VAL A 121 -14.78 -7.01 1.07
CA VAL A 121 -14.38 -8.16 1.89
C VAL A 121 -15.28 -8.16 3.14
N ALA A 122 -15.87 -9.33 3.41
CA ALA A 122 -16.71 -9.55 4.59
C ALA A 122 -15.87 -9.72 5.84
N GLU A 123 -16.22 -8.97 6.89
CA GLU A 123 -15.60 -9.10 8.20
C GLU A 123 -15.91 -10.46 8.84
N PRO A 124 -14.86 -11.17 9.33
CA PRO A 124 -15.00 -12.48 10.00
C PRO A 124 -16.16 -12.60 11.00
N GLY A 125 -16.34 -11.62 11.87
CA GLY A 125 -17.36 -11.67 12.91
C GLY A 125 -18.67 -11.02 12.53
N SER A 126 -18.58 -9.78 12.05
CA SER A 126 -19.75 -8.97 11.69
C SER A 126 -20.34 -9.34 10.32
N GLY A 127 -19.47 -9.73 9.38
CA GLY A 127 -19.91 -10.15 8.05
C GLY A 127 -20.26 -8.97 7.16
N GLU A 128 -20.07 -7.76 7.70
CA GLU A 128 -20.29 -6.50 6.99
C GLU A 128 -19.27 -6.36 5.87
N LEU A 129 -19.72 -5.89 4.71
CA LEU A 129 -18.84 -5.68 3.57
C LEU A 129 -18.12 -4.32 3.64
N ASN A 130 -16.80 -4.36 3.62
CA ASN A 130 -15.96 -3.15 3.61
C ASN A 130 -14.96 -3.22 2.44
N PRO A 131 -14.52 -2.04 1.90
CA PRO A 131 -13.53 -2.11 0.82
C PRO A 131 -12.27 -2.87 1.27
N GLY A 132 -11.81 -3.77 0.42
CA GLY A 132 -10.66 -4.61 0.70
C GLY A 132 -9.48 -4.22 -0.19
N PRO A 133 -8.44 -5.08 -0.23
CA PRO A 133 -7.22 -4.78 -0.98
C PRO A 133 -7.45 -4.80 -2.50
N ALA A 134 -6.51 -4.20 -3.24
CA ALA A 134 -6.48 -4.36 -4.70
C ALA A 134 -6.27 -5.83 -5.00
N THR A 135 -7.01 -6.38 -5.98
CA THR A 135 -6.80 -7.79 -6.40
C THR A 135 -6.00 -7.85 -7.70
N ARG A 136 -5.95 -6.73 -8.38
CA ARG A 136 -5.28 -6.64 -9.69
C ARG A 136 -4.83 -5.22 -9.95
N LEU A 137 -3.85 -5.05 -10.83
CA LEU A 137 -3.45 -3.74 -11.35
C LEU A 137 -4.12 -3.52 -12.69
N VAL A 138 -4.42 -2.26 -12.98
CA VAL A 138 -4.85 -1.84 -14.34
C VAL A 138 -3.95 -0.68 -14.81
N PHE A 139 -3.51 -0.76 -16.07
CA PHE A 139 -2.85 0.34 -16.74
C PHE A 139 -3.74 0.79 -17.89
N ASP A 140 -3.91 2.10 -18.03
CA ASP A 140 -4.66 2.62 -19.15
C ASP A 140 -3.65 3.23 -20.11
N LEU A 141 -3.49 2.60 -21.28
CA LEU A 141 -2.58 3.12 -22.28
C LEU A 141 -3.35 3.97 -23.27
N ASP A 142 -3.09 5.27 -23.20
CA ASP A 142 -3.79 6.27 -23.99
C ASP A 142 -2.84 6.82 -25.04
N PRO A 143 -3.09 6.49 -26.32
CA PRO A 143 -2.22 6.98 -27.38
C PRO A 143 -2.40 8.48 -27.61
N GLY A 144 -1.27 9.19 -27.68
CA GLY A 144 -1.27 10.62 -27.98
C GLY A 144 -1.39 10.88 -29.47
N GLU A 145 -1.35 12.15 -29.84
CA GLU A 145 -1.52 12.59 -31.23
C GLU A 145 -0.52 11.90 -32.16
N GLY A 146 -1.03 11.23 -33.20
CA GLY A 146 -0.21 10.56 -34.21
C GLY A 146 0.46 9.23 -33.87
N VAL A 147 0.16 8.68 -32.70
CA VAL A 147 0.71 7.39 -32.28
C VAL A 147 0.06 6.24 -33.07
N MET A 148 0.90 5.42 -33.70
CA MET A 148 0.46 4.29 -34.53
C MET A 148 0.19 3.04 -33.70
N MET A 149 -0.54 2.09 -34.32
CA MET A 149 -0.86 0.81 -33.69
C MET A 149 0.42 0.05 -33.27
N ALA A 150 1.40 -0.02 -34.17
CA ALA A 150 2.71 -0.60 -33.85
C ALA A 150 3.35 -0.05 -32.55
N GLN A 151 3.31 1.27 -32.37
CA GLN A 151 3.83 1.87 -31.13
C GLN A 151 3.01 1.51 -29.87
N LEU A 152 1.68 1.62 -29.94
CA LEU A 152 0.83 1.29 -28.80
C LEU A 152 1.00 -0.16 -28.34
N ALA A 153 1.17 -1.06 -29.31
CA ALA A 153 1.37 -2.48 -29.06
C ALA A 153 2.73 -2.71 -28.47
N GLU A 154 3.73 -2.03 -29.05
CA GLU A 154 5.10 -2.08 -28.58
C GLU A 154 5.15 -1.69 -27.11
N VAL A 155 4.45 -0.60 -26.77
CA VAL A 155 4.41 -0.09 -25.39
C VAL A 155 3.71 -1.12 -24.48
N ALA A 156 2.58 -1.66 -24.93
CA ALA A 156 1.86 -2.72 -24.17
C ALA A 156 2.80 -3.91 -23.87
N ARG A 157 3.52 -4.36 -24.89
CA ARG A 157 4.45 -5.48 -24.72
C ARG A 157 5.58 -5.15 -23.72
N ALA A 158 6.06 -3.91 -23.77
CA ALA A 158 7.03 -3.40 -22.79
C ALA A 158 6.52 -3.44 -21.36
N VAL A 159 5.27 -3.01 -21.15
CA VAL A 159 4.61 -3.12 -19.85
C VAL A 159 4.54 -4.59 -19.41
N ARG A 160 4.09 -5.45 -20.31
CA ARG A 160 3.97 -6.88 -20.01
C ARG A 160 5.33 -7.49 -19.60
N ASP A 161 6.39 -7.08 -20.28
CA ASP A 161 7.75 -7.60 -20.02
C ASP A 161 8.26 -7.17 -18.64
N LEU A 162 8.02 -5.91 -18.29
CA LEU A 162 8.39 -5.40 -16.96
C LEU A 162 7.64 -6.11 -15.83
N LEU A 163 6.37 -6.39 -16.06
CA LEU A 163 5.55 -7.11 -15.07
C LEU A 163 5.97 -8.59 -14.93
N ALA A 164 6.40 -9.19 -16.03
CA ALA A 164 6.89 -10.57 -16.01
C ALA A 164 8.20 -10.67 -15.21
N ASP A 165 8.99 -9.60 -15.23
CA ASP A 165 10.21 -9.46 -14.43
C ASP A 165 9.94 -9.65 -12.94
N ILE A 166 8.73 -9.31 -12.53
CA ILE A 166 8.29 -9.46 -11.14
C ILE A 166 7.29 -10.62 -10.93
N GLY A 167 7.28 -11.54 -11.90
CA GLY A 167 6.51 -12.79 -11.78
C GLY A 167 5.01 -12.64 -12.03
N LEU A 168 4.63 -11.56 -12.70
CA LEU A 168 3.23 -11.28 -12.97
C LEU A 168 2.87 -11.49 -14.45
N VAL A 169 1.61 -11.85 -14.67
CA VAL A 169 1.05 -12.06 -16.01
C VAL A 169 0.13 -10.88 -16.38
N THR A 170 0.13 -10.54 -17.66
CA THR A 170 -0.61 -9.37 -18.13
C THR A 170 -1.64 -9.73 -19.19
N PHE A 171 -2.83 -9.13 -19.10
CA PHE A 171 -3.94 -9.42 -20.00
C PHE A 171 -4.40 -8.15 -20.71
N PRO A 172 -4.35 -8.14 -22.05
CA PRO A 172 -4.80 -6.92 -22.72
C PRO A 172 -6.30 -6.86 -23.04
N VAL A 173 -6.88 -5.68 -22.93
CA VAL A 173 -8.29 -5.48 -23.21
C VAL A 173 -8.38 -4.15 -23.97
N THR A 174 -8.75 -4.19 -25.25
CA THR A 174 -8.99 -2.93 -25.97
C THR A 174 -10.23 -2.26 -25.35
N SER A 175 -10.14 -0.96 -25.07
CA SER A 175 -11.14 -0.30 -24.22
C SER A 175 -12.54 -0.14 -24.83
N GLY A 176 -12.63 -0.21 -26.16
CA GLY A 176 -13.89 0.10 -26.86
C GLY A 176 -13.97 1.56 -27.30
N SER A 177 -13.01 2.35 -26.81
CA SER A 177 -12.94 3.74 -27.24
CA SER A 177 -12.92 3.75 -27.19
C SER A 177 -11.68 3.98 -28.07
N LYS A 178 -10.65 4.59 -27.50
CA LYS A 178 -9.44 4.95 -28.24
C LYS A 178 -8.19 4.22 -27.84
N GLY A 179 -8.20 3.61 -26.66
CA GLY A 179 -6.99 3.04 -26.11
C GLY A 179 -7.07 1.60 -25.68
N LEU A 180 -6.14 1.25 -24.79
CA LEU A 180 -5.84 -0.10 -24.45
C LEU A 180 -5.65 -0.20 -22.94
N HIS A 181 -6.34 -1.14 -22.30
CA HIS A 181 -6.17 -1.40 -20.88
C HIS A 181 -5.43 -2.73 -20.67
N LEU A 182 -4.55 -2.73 -19.67
CA LEU A 182 -3.78 -3.92 -19.29
C LEU A 182 -4.06 -4.26 -17.83
N TYR A 183 -4.46 -5.50 -17.59
CA TYR A 183 -4.77 -5.99 -16.24
C TYR A 183 -3.76 -7.05 -15.83
N THR A 184 -3.38 -7.06 -14.56
CA THR A 184 -2.51 -8.11 -14.04
C THR A 184 -2.97 -8.48 -12.63
N PRO A 185 -3.27 -9.78 -12.41
CA PRO A 185 -3.68 -10.20 -11.08
C PRO A 185 -2.50 -10.24 -10.12
N LEU A 186 -2.72 -9.73 -8.92
CA LEU A 186 -1.67 -9.72 -7.89
C LEU A 186 -1.54 -11.07 -7.19
N ASP A 187 -0.29 -11.51 -7.02
CA ASP A 187 0.02 -12.72 -6.22
C ASP A 187 -0.40 -12.55 -4.77
N GLU A 188 -0.08 -11.38 -4.21
CA GLU A 188 -0.58 -10.98 -2.88
C GLU A 188 -1.34 -9.67 -3.05
N PRO A 189 -2.66 -9.68 -2.78
CA PRO A 189 -3.32 -8.37 -2.70
C PRO A 189 -2.62 -7.40 -1.71
N VAL A 190 -2.70 -6.11 -2.02
CA VAL A 190 -2.05 -5.02 -1.30
C VAL A 190 -3.05 -3.87 -1.30
N SER A 191 -2.86 -2.89 -0.41
CA SER A 191 -3.82 -1.76 -0.39
C SER A 191 -3.87 -1.09 -1.77
N SER A 192 -4.98 -0.42 -2.10
CA SER A 192 -5.04 0.35 -3.35
C SER A 192 -3.92 1.43 -3.42
N ARG A 193 -3.64 2.07 -2.28
CA ARG A 193 -2.52 3.02 -2.23
C ARG A 193 -1.19 2.36 -2.64
N GLY A 194 -0.99 1.13 -2.17
CA GLY A 194 0.22 0.37 -2.48
C GLY A 194 0.24 -0.06 -3.93
N ALA A 195 -0.91 -0.49 -4.43
CA ALA A 195 -1.08 -0.89 -5.83
C ALA A 195 -0.73 0.26 -6.75
N THR A 196 -1.19 1.46 -6.39
CA THR A 196 -0.94 2.68 -7.14
C THR A 196 0.55 3.03 -7.17
N VAL A 197 1.25 2.92 -6.03
CA VAL A 197 2.71 3.11 -5.93
C VAL A 197 3.44 2.14 -6.91
N LEU A 198 3.03 0.88 -6.92
CA LEU A 198 3.65 -0.16 -7.77
C LEU A 198 3.43 0.12 -9.25
N ALA A 199 2.18 0.40 -9.60
CA ALA A 199 1.81 0.78 -10.95
C ALA A 199 2.59 2.02 -11.43
N LYS A 200 2.69 3.02 -10.56
CA LYS A 200 3.47 4.22 -10.84
C LYS A 200 4.96 3.89 -11.09
N ARG A 201 5.55 3.03 -10.25
CA ARG A 201 6.95 2.60 -10.37
C ARG A 201 7.20 1.93 -11.74
N VAL A 202 6.24 1.11 -12.16
CA VAL A 202 6.29 0.44 -13.47
C VAL A 202 6.25 1.47 -14.63
N ALA A 203 5.30 2.41 -14.57
CA ALA A 203 5.14 3.44 -15.61
C ALA A 203 6.38 4.34 -15.71
N GLN A 204 6.89 4.75 -14.57
CA GLN A 204 8.12 5.55 -14.53
C GLN A 204 9.32 4.77 -15.05
N ARG A 205 9.42 3.48 -14.73
CA ARG A 205 10.51 2.67 -15.26
C ARG A 205 10.46 2.56 -16.77
N LEU A 206 9.26 2.39 -17.33
CA LEU A 206 9.07 2.34 -18.78
C LEU A 206 9.40 3.67 -19.44
N GLU A 207 8.93 4.74 -18.84
CA GLU A 207 9.25 6.10 -19.31
C GLU A 207 10.76 6.32 -19.36
N GLN A 208 11.49 5.85 -18.34
CA GLN A 208 12.96 5.93 -18.33
C GLN A 208 13.57 5.15 -19.49
N ALA A 209 12.96 3.99 -19.76
CA ALA A 209 13.42 3.05 -20.77
C ALA A 209 13.17 3.59 -22.19
N MET A 210 12.03 4.25 -22.39
CA MET A 210 11.65 4.73 -23.73
C MET A 210 10.99 6.10 -23.67
N PRO A 211 11.76 7.10 -23.25
CA PRO A 211 11.17 8.44 -23.07
C PRO A 211 10.60 9.08 -24.36
N ALA A 212 11.08 8.68 -25.54
CA ALA A 212 10.52 9.20 -26.80
C ALA A 212 9.09 8.65 -27.07
N LEU A 213 8.74 7.53 -26.45
CA LEU A 213 7.58 6.74 -26.84
C LEU A 213 6.49 6.69 -25.76
N VAL A 214 6.91 6.98 -24.52
CA VAL A 214 6.09 6.83 -23.33
C VAL A 214 6.20 8.06 -22.42
N THR A 215 5.04 8.51 -21.94
CA THR A 215 4.99 9.38 -20.77
C THR A 215 4.21 8.75 -19.58
N SER A 216 4.60 9.10 -18.36
CA SER A 216 3.92 8.56 -17.17
C SER A 216 3.11 9.66 -16.48
N THR A 217 3.18 10.87 -17.04
CA THR A 217 2.50 12.04 -16.50
C THR A 217 1.34 12.50 -17.39
N MET A 218 0.42 13.21 -16.76
CA MET A 218 -0.77 13.76 -17.40
C MET A 218 -0.46 14.97 -18.28
N THR A 219 0.58 15.72 -17.93
CA THR A 219 0.92 17.01 -18.58
C THR A 219 0.66 17.00 -20.09
N LYS A 220 -0.21 17.90 -20.53
CA LYS A 220 -0.76 17.89 -21.88
C LYS A 220 0.24 18.13 -23.01
N SER A 221 1.25 18.97 -22.75
CA SER A 221 2.25 19.35 -23.75
C SER A 221 3.26 18.23 -24.07
N LEU A 222 3.36 17.25 -23.19
CA LEU A 222 4.31 16.14 -23.36
C LEU A 222 3.67 14.90 -24.01
N ARG A 223 2.41 15.04 -24.43
CA ARG A 223 1.60 13.90 -24.90
C ARG A 223 1.78 13.52 -26.38
N ALA A 224 2.08 14.50 -27.24
CA ALA A 224 2.16 14.28 -28.69
C ALA A 224 3.23 13.23 -29.05
N GLY A 225 2.82 12.25 -29.84
CA GLY A 225 3.69 11.15 -30.29
C GLY A 225 4.09 10.16 -29.21
N LYS A 226 3.44 10.26 -28.04
CA LYS A 226 3.73 9.35 -26.93
C LYS A 226 2.47 8.61 -26.46
N VAL A 227 2.68 7.41 -25.94
CA VAL A 227 1.64 6.70 -25.21
C VAL A 227 1.71 7.15 -23.76
N PHE A 228 0.57 7.63 -23.26
CA PHE A 228 0.41 7.89 -21.83
C PHE A 228 0.07 6.57 -21.10
N VAL A 229 1.01 6.12 -20.28
CA VAL A 229 0.82 4.94 -19.45
C VAL A 229 0.26 5.40 -18.12
N ASP A 230 -1.06 5.37 -18.04
CA ASP A 230 -1.78 5.88 -16.88
C ASP A 230 -1.89 4.79 -15.81
N TRP A 231 -1.17 5.04 -14.71
CA TRP A 231 -1.13 4.22 -13.50
C TRP A 231 -2.18 4.67 -12.45
N SER A 232 -2.84 5.81 -12.70
CA SER A 232 -3.64 6.46 -11.64
C SER A 232 -5.00 5.82 -11.36
N GLN A 233 -5.46 4.95 -12.26
CA GLN A 233 -6.76 4.25 -12.09
CA GLN A 233 -6.77 4.31 -12.06
C GLN A 233 -6.73 3.17 -11.02
N ASN A 234 -5.55 2.91 -10.50
CA ASN A 234 -5.37 2.01 -9.36
C ASN A 234 -5.74 2.66 -8.02
N SER A 235 -5.95 3.97 -8.02
CA SER A 235 -6.51 4.66 -6.85
C SER A 235 -7.83 4.02 -6.45
N GLY A 236 -8.02 3.83 -5.15
CA GLY A 236 -9.23 3.19 -4.64
C GLY A 236 -10.50 3.98 -4.94
N SER A 237 -10.34 5.30 -5.17
CA SER A 237 -11.47 6.17 -5.50
C SER A 237 -11.73 6.21 -7.01
N LYS A 238 -10.89 5.56 -7.80
CA LYS A 238 -11.08 5.55 -9.30
C LYS A 238 -11.78 4.30 -9.82
N THR A 239 -12.50 4.42 -10.95
CA THR A 239 -13.17 3.24 -11.56
C THR A 239 -12.77 3.17 -13.02
N THR A 240 -12.83 1.96 -13.58
CA THR A 240 -12.40 1.70 -14.96
C THR A 240 -13.47 0.84 -15.62
N ILE A 241 -13.76 1.14 -16.89
CA ILE A 241 -14.74 0.35 -17.66
C ILE A 241 -14.52 -1.15 -17.47
N ALA A 242 -15.58 -1.88 -17.15
CA ALA A 242 -15.45 -3.31 -16.88
C ALA A 242 -15.20 -4.08 -18.17
N PRO A 243 -14.31 -5.08 -18.13
CA PRO A 243 -14.25 -6.00 -19.29
C PRO A 243 -15.64 -6.53 -19.71
N TYR A 244 -15.89 -6.55 -21.02
CA TYR A 244 -17.17 -6.98 -21.64
C TYR A 244 -18.27 -5.90 -21.60
N SER A 245 -17.99 -4.79 -20.91
CA SER A 245 -18.95 -3.68 -20.95
C SER A 245 -19.07 -3.13 -22.36
N LEU A 246 -20.30 -2.77 -22.74
CA LEU A 246 -20.52 -1.90 -23.88
C LEU A 246 -19.94 -0.50 -23.59
N ARG A 247 -19.72 0.25 -24.66
CA ARG A 247 -19.34 1.65 -24.57
C ARG A 247 -20.50 2.48 -25.14
N GLY A 248 -20.72 3.64 -24.52
CA GLY A 248 -21.75 4.59 -24.98
C GLY A 248 -21.14 5.53 -26.00
N ARG A 249 -20.91 4.99 -27.18
CA ARG A 249 -20.23 5.70 -28.26
C ARG A 249 -21.08 5.53 -29.50
N THR A 250 -20.67 6.16 -30.59
CA THR A 250 -21.45 6.06 -31.82
C THR A 250 -21.74 4.60 -32.24
N HIS A 251 -20.73 3.74 -32.13
CA HIS A 251 -20.99 2.30 -32.34
C HIS A 251 -21.00 1.52 -31.04
N PRO A 252 -21.76 0.41 -30.99
CA PRO A 252 -21.73 -0.43 -29.76
C PRO A 252 -20.47 -1.28 -29.63
N THR A 253 -19.35 -0.60 -29.44
CA THR A 253 -18.07 -1.27 -29.18
C THR A 253 -18.00 -1.73 -27.73
N VAL A 254 -17.01 -2.56 -27.42
CA VAL A 254 -16.92 -3.26 -26.12
C VAL A 254 -15.48 -3.19 -25.58
N ALA A 255 -15.36 -3.13 -24.25
CA ALA A 255 -14.08 -3.35 -23.59
C ALA A 255 -13.74 -4.85 -23.73
N ALA A 256 -13.04 -5.18 -24.81
CA ALA A 256 -12.94 -6.57 -25.30
C ALA A 256 -11.58 -7.20 -24.98
N PRO A 257 -11.57 -8.34 -24.22
CA PRO A 257 -10.27 -9.03 -24.06
C PRO A 257 -9.68 -9.48 -25.38
N ARG A 258 -8.35 -9.33 -25.52
CA ARG A 258 -7.60 -9.74 -26.73
C ARG A 258 -6.48 -10.71 -26.40
N THR A 259 -5.97 -11.42 -27.41
CA THR A 259 -4.69 -12.11 -27.26
C THR A 259 -3.54 -11.14 -27.59
N TRP A 260 -2.36 -11.44 -27.08
CA TRP A 260 -1.16 -10.68 -27.41
C TRP A 260 -0.88 -10.70 -28.92
N ALA A 261 -1.09 -11.83 -29.57
CA ALA A 261 -0.91 -11.95 -31.03
C ALA A 261 -1.81 -10.97 -31.79
N GLU A 262 -3.03 -10.75 -31.27
CA GLU A 262 -3.96 -9.85 -31.92
C GLU A 262 -3.45 -8.42 -31.92
N LEU A 263 -2.75 -8.05 -30.85
CA LEU A 263 -2.17 -6.71 -30.74
C LEU A 263 -1.07 -6.50 -31.76
N ASP A 264 -0.48 -7.61 -32.23
CA ASP A 264 0.54 -7.59 -33.27
C ASP A 264 0.01 -7.24 -34.66
N ASP A 265 -1.32 -7.24 -34.80
CA ASP A 265 -1.96 -6.92 -36.06
C ASP A 265 -1.94 -5.40 -36.30
N PRO A 266 -1.27 -4.95 -37.37
CA PRO A 266 -1.33 -3.51 -37.64
C PRO A 266 -2.75 -3.02 -37.92
N ALA A 267 -3.67 -3.93 -38.22
CA ALA A 267 -5.06 -3.60 -38.53
C ALA A 267 -5.92 -3.58 -37.27
N LEU A 268 -5.26 -3.64 -36.10
CA LEU A 268 -5.95 -3.68 -34.81
C LEU A 268 -6.99 -2.58 -34.70
N ARG A 269 -8.19 -2.98 -34.28
CA ARG A 269 -9.28 -2.02 -34.08
C ARG A 269 -10.13 -2.45 -32.90
N GLN A 270 -11.00 -1.56 -32.46
CA GLN A 270 -12.00 -1.91 -31.46
C GLN A 270 -13.03 -2.93 -32.00
N LEU A 271 -13.55 -3.76 -31.10
CA LEU A 271 -14.49 -4.82 -31.47
C LEU A 271 -15.91 -4.46 -31.05
N SER A 272 -16.88 -4.85 -31.88
CA SER A 272 -18.30 -4.57 -31.64
C SER A 272 -18.89 -5.72 -30.83
N TYR A 273 -20.04 -5.46 -30.17
CA TYR A 273 -20.64 -6.46 -29.28
C TYR A 273 -20.94 -7.78 -30.00
N ASP A 274 -21.32 -7.74 -31.28
CA ASP A 274 -21.63 -8.98 -32.00
C ASP A 274 -20.36 -9.82 -32.19
N GLU A 275 -19.22 -9.17 -32.38
CA GLU A 275 -17.95 -9.87 -32.58
C GLU A 275 -17.52 -10.52 -31.27
N VAL A 276 -17.78 -9.82 -30.19
CA VAL A 276 -17.42 -10.28 -28.85
C VAL A 276 -18.19 -11.58 -28.49
N LEU A 277 -19.48 -11.63 -28.84
CA LEU A 277 -20.28 -12.85 -28.64
C LEU A 277 -19.74 -14.04 -29.44
N THR A 278 -19.39 -13.82 -30.70
CA THR A 278 -18.85 -14.90 -31.53
C THR A 278 -17.50 -15.41 -30.97
N ARG A 279 -16.72 -14.49 -30.43
CA ARG A 279 -15.39 -14.82 -29.89
C ARG A 279 -15.54 -15.65 -28.60
N ILE A 280 -16.51 -15.30 -27.75
CA ILE A 280 -16.77 -16.10 -26.55
C ILE A 280 -17.14 -17.54 -26.90
N ALA A 281 -18.00 -17.70 -27.90
CA ALA A 281 -18.39 -19.06 -28.35
C ALA A 281 -17.19 -19.90 -28.78
N ARG A 282 -16.24 -19.24 -29.44
CA ARG A 282 -15.09 -19.90 -30.06
C ARG A 282 -14.00 -20.20 -29.03
N ASP A 283 -13.65 -19.19 -28.22
CA ASP A 283 -12.50 -19.25 -27.32
C ASP A 283 -12.77 -19.18 -25.81
N GLY A 284 -14.03 -18.94 -25.42
CA GLY A 284 -14.35 -18.72 -24.01
C GLY A 284 -13.78 -17.40 -23.52
N ASP A 285 -13.50 -17.30 -22.21
CA ASP A 285 -13.01 -16.06 -21.61
C ASP A 285 -11.49 -16.02 -21.65
N LEU A 286 -10.95 -15.08 -22.43
CA LEU A 286 -9.49 -14.87 -22.45
C LEU A 286 -8.94 -14.34 -21.09
N LEU A 287 -9.82 -13.77 -20.27
CA LEU A 287 -9.50 -13.30 -18.93
C LEU A 287 -9.82 -14.32 -17.81
N GLU A 288 -10.04 -15.60 -18.16
CA GLU A 288 -10.39 -16.62 -17.17
C GLU A 288 -9.44 -16.61 -15.97
N ARG A 289 -8.17 -16.34 -16.21
CA ARG A 289 -7.16 -16.41 -15.15
C ARG A 289 -6.99 -15.11 -14.34
N LEU A 290 -7.71 -14.05 -14.72
CA LEU A 290 -7.54 -12.75 -14.07
C LEU A 290 -8.10 -12.68 -12.63
N ASP A 291 -9.24 -13.33 -12.42
CA ASP A 291 -9.97 -13.25 -11.15
C ASP A 291 -10.25 -14.64 -10.55
N ALA A 292 -11.23 -14.70 -9.63
CA ALA A 292 -11.51 -15.89 -8.80
C ALA A 292 -10.27 -16.40 -8.08
N GLU B 9 39.29 0.10 2.68
CA GLU B 9 38.00 0.82 2.54
C GLU B 9 37.45 1.30 3.90
N GLN B 10 36.58 0.50 4.52
CA GLN B 10 36.05 0.83 5.83
C GLN B 10 36.78 0.04 6.90
N ARG B 11 37.49 0.75 7.76
CA ARG B 11 38.23 0.14 8.88
C ARG B 11 37.94 0.82 10.21
N VAL B 12 38.03 0.05 11.29
CA VAL B 12 37.81 0.51 12.69
C VAL B 12 38.75 -0.25 13.61
N THR B 13 39.43 0.49 14.48
CA THR B 13 40.31 -0.12 15.45
C THR B 13 39.47 -0.53 16.67
N LEU B 14 39.37 -1.83 16.93
CA LEU B 14 38.49 -2.36 17.99
C LEU B 14 39.34 -2.59 19.23
N THR B 15 38.85 -2.12 20.38
CA THR B 15 39.64 -2.19 21.62
C THR B 15 38.81 -2.73 22.76
N ASN B 16 39.49 -3.21 23.81
CA ASN B 16 38.85 -3.61 25.08
C ASN B 16 37.72 -4.62 24.93
N ALA B 17 37.92 -5.62 24.07
CA ALA B 17 36.88 -6.63 23.87
C ALA B 17 36.45 -7.35 25.16
N ASP B 18 37.37 -7.40 26.14
CA ASP B 18 37.18 -8.11 27.42
C ASP B 18 36.32 -7.27 28.40
N LYS B 19 36.18 -5.97 28.13
CA LYS B 19 35.44 -5.05 29.01
C LYS B 19 34.00 -5.50 29.23
N VAL B 20 33.60 -5.59 30.50
CA VAL B 20 32.21 -5.90 30.80
C VAL B 20 31.38 -4.61 30.76
N LEU B 21 30.37 -4.58 29.90
CA LEU B 21 29.48 -3.42 29.78
C LEU B 21 28.15 -3.56 30.51
N TYR B 22 27.77 -4.81 30.83
CA TYR B 22 26.58 -5.09 31.63
C TYR B 22 27.04 -5.94 32.82
N PRO B 23 27.43 -5.26 33.91
CA PRO B 23 27.93 -6.03 35.07
C PRO B 23 26.96 -7.15 35.60
N ALA B 24 25.64 -6.92 35.54
CA ALA B 24 24.65 -7.86 36.09
C ALA B 24 24.68 -9.23 35.40
N THR B 25 25.03 -9.24 34.10
CA THR B 25 24.98 -10.44 33.31
C THR B 25 26.36 -10.83 32.78
N GLY B 26 27.35 -9.95 32.96
CA GLY B 26 28.70 -10.22 32.49
C GLY B 26 28.89 -10.03 30.98
N THR B 27 27.93 -9.38 30.33
CA THR B 27 27.99 -9.13 28.87
C THR B 27 29.15 -8.17 28.53
N THR B 28 30.02 -8.62 27.62
CA THR B 28 31.26 -7.94 27.28
C THR B 28 31.13 -7.15 25.96
N LYS B 29 32.10 -6.27 25.72
CA LYS B 29 32.28 -5.66 24.40
C LYS B 29 32.36 -6.73 23.30
N SER B 30 33.06 -7.84 23.56
CA SER B 30 33.12 -8.93 22.58
C SER B 30 31.71 -9.46 22.21
N ASP B 31 30.83 -9.63 23.20
CA ASP B 31 29.45 -10.07 22.97
C ASP B 31 28.73 -9.08 22.07
N ILE B 32 28.96 -7.80 22.35
CA ILE B 32 28.28 -6.72 21.64
C ILE B 32 28.82 -6.64 20.21
N PHE B 33 30.14 -6.81 20.05
CA PHE B 33 30.75 -6.90 18.71
C PHE B 33 30.09 -8.03 17.91
N ASP B 34 30.00 -9.21 18.54
CA ASP B 34 29.38 -10.35 17.86
C ASP B 34 27.91 -10.11 17.51
N TYR B 35 27.19 -9.49 18.46
CA TYR B 35 25.77 -9.16 18.27
C TYR B 35 25.55 -8.25 17.05
N TYR B 36 26.25 -7.11 17.04
CA TYR B 36 26.05 -6.14 15.95
C TYR B 36 26.58 -6.66 14.58
N ALA B 37 27.60 -7.52 14.61
CA ALA B 37 28.02 -8.22 13.40
C ALA B 37 26.95 -9.20 12.93
N GLY B 38 26.33 -9.90 13.88
CA GLY B 38 25.28 -10.89 13.58
C GLY B 38 23.95 -10.31 13.11
N VAL B 39 23.57 -9.14 13.64
CA VAL B 39 22.25 -8.56 13.30
C VAL B 39 22.33 -7.58 12.16
N ALA B 40 23.55 -7.29 11.70
CA ALA B 40 23.78 -6.27 10.65
C ALA B 40 22.87 -6.45 9.42
N GLU B 41 22.86 -7.65 8.87
CA GLU B 41 22.09 -7.91 7.68
C GLU B 41 20.61 -7.52 7.86
N VAL B 42 20.01 -7.86 9.00
CA VAL B 42 18.58 -7.56 9.21
C VAL B 42 18.31 -6.15 9.74
N MET B 43 19.29 -5.61 10.45
CA MET B 43 19.15 -4.31 11.11
C MET B 43 19.31 -3.15 10.14
N LEU B 44 20.30 -3.23 9.25
CA LEU B 44 20.65 -2.13 8.35
C LEU B 44 19.46 -1.60 7.55
N GLY B 45 18.58 -2.49 7.09
CA GLY B 45 17.44 -2.07 6.22
C GLY B 45 16.56 -1.02 6.91
N HIS B 46 16.41 -1.15 8.23
CA HIS B 46 15.50 -0.28 9.00
C HIS B 46 16.13 1.03 9.50
N ILE B 47 17.45 1.14 9.32
CA ILE B 47 18.19 2.38 9.63
C ILE B 47 18.87 3.07 8.45
N ALA B 48 18.94 2.37 7.32
CA ALA B 48 19.41 2.96 6.03
C ALA B 48 18.78 4.33 5.75
N GLY B 49 19.61 5.30 5.36
CA GLY B 49 19.10 6.59 4.94
C GLY B 49 18.62 7.50 6.09
N ARG B 50 18.80 7.09 7.34
CA ARG B 50 18.26 7.84 8.48
C ARG B 50 19.41 8.40 9.34
N PRO B 51 19.25 9.61 9.92
CA PRO B 51 20.33 10.10 10.80
C PRO B 51 20.35 9.26 12.10
N ALA B 52 21.53 8.76 12.47
CA ALA B 52 21.63 7.88 13.65
C ALA B 52 22.11 8.69 14.85
N THR B 53 21.28 8.74 15.89
CA THR B 53 21.66 9.32 17.19
C THR B 53 22.23 8.19 18.08
N ARG B 54 23.37 8.44 18.72
CA ARG B 54 24.01 7.43 19.56
C ARG B 54 23.69 7.76 21.02
N LYS B 55 23.37 6.74 21.80
CA LYS B 55 23.43 6.91 23.25
C LYS B 55 24.53 5.97 23.74
N ARG B 56 25.51 6.54 24.44
CA ARG B 56 26.73 5.81 24.80
C ARG B 56 26.84 5.55 26.31
N TRP B 57 27.27 4.33 26.66
CA TRP B 57 27.61 4.00 28.02
C TRP B 57 29.08 3.49 28.06
N PRO B 58 30.08 4.37 27.91
CA PRO B 58 31.48 3.89 27.76
C PRO B 58 32.02 3.19 29.02
N ASN B 59 31.41 3.46 30.16
CA ASN B 59 31.82 2.83 31.42
C ASN B 59 30.77 1.80 31.90
N GLY B 60 29.92 1.32 30.99
CA GLY B 60 28.94 0.27 31.32
C GLY B 60 27.59 0.82 31.76
N VAL B 61 26.60 -0.06 31.79
CA VAL B 61 25.20 0.39 31.94
C VAL B 61 24.86 0.87 33.34
N ASP B 62 25.74 0.57 34.29
CA ASP B 62 25.57 0.91 35.68
C ASP B 62 26.26 2.24 36.00
N GLN B 63 26.80 2.90 34.96
CA GLN B 63 27.44 4.21 35.05
C GLN B 63 26.74 5.19 34.08
N PRO B 64 26.94 6.52 34.27
CA PRO B 64 26.20 7.47 33.46
C PRO B 64 26.41 7.32 31.95
N ALA B 65 25.36 7.64 31.23
CA ALA B 65 25.37 7.67 29.77
C ALA B 65 25.48 9.10 29.25
N PHE B 66 25.69 9.22 27.94
CA PHE B 66 25.44 10.49 27.28
C PHE B 66 25.00 10.29 25.84
N PHE B 67 24.20 11.24 25.36
CA PHE B 67 23.85 11.26 23.92
C PHE B 67 25.00 11.85 23.12
N GLU B 68 25.17 11.30 21.92
CA GLU B 68 25.89 12.01 20.89
C GLU B 68 25.06 12.13 19.63
N LYS B 69 24.89 13.35 19.13
CA LYS B 69 24.10 13.52 17.91
C LYS B 69 24.99 13.91 16.74
N GLN B 70 25.57 15.10 16.85
CA GLN B 70 26.54 15.56 15.86
C GLN B 70 27.69 14.55 15.70
N LEU B 71 28.06 14.30 14.45
CA LEU B 71 29.17 13.41 14.13
C LEU B 71 30.47 14.19 14.30
N ALA B 72 31.26 13.84 15.33
CA ALA B 72 32.58 14.46 15.53
C ALA B 72 33.50 14.23 14.32
N LEU B 73 34.32 15.23 14.00
CA LEU B 73 35.30 15.09 12.91
C LEU B 73 36.33 13.97 13.12
N SER B 74 36.49 13.54 14.37
CA SER B 74 37.34 12.39 14.73
C SER B 74 36.81 11.06 14.19
N ALA B 75 35.53 11.03 13.86
CA ALA B 75 34.89 9.78 13.40
C ALA B 75 35.49 9.34 12.06
N PRO B 76 35.37 8.04 11.73
CA PRO B 76 35.93 7.54 10.46
C PRO B 76 35.40 8.33 9.26
N PRO B 77 36.30 8.78 8.36
CA PRO B 77 35.88 9.56 7.19
C PRO B 77 34.97 8.80 6.25
N TRP B 78 34.99 7.47 6.33
CA TRP B 78 34.18 6.66 5.40
C TRP B 78 32.71 6.58 5.79
N LEU B 79 32.34 7.05 6.99
CA LEU B 79 30.92 7.04 7.37
C LEU B 79 30.10 7.97 6.49
N SER B 80 28.97 7.47 6.00
CA SER B 80 27.96 8.34 5.38
C SER B 80 27.40 9.30 6.42
N ARG B 81 27.04 10.50 5.94
CA ARG B 81 26.57 11.58 6.81
C ARG B 81 25.70 12.58 6.06
N ALA B 82 24.91 13.35 6.81
CA ALA B 82 24.10 14.42 6.22
C ALA B 82 23.68 15.41 7.30
N THR B 83 23.27 16.61 6.88
CA THR B 83 22.99 17.68 7.83
C THR B 83 21.51 17.98 7.91
N VAL B 84 21.09 18.41 9.10
CA VAL B 84 19.70 18.74 9.38
C VAL B 84 19.68 20.13 10.00
N ALA B 85 18.72 20.95 9.56
CA ALA B 85 18.59 22.31 10.08
C ALA B 85 17.69 22.40 11.33
N HIS B 86 17.97 23.40 12.15
CA HIS B 86 17.08 23.82 13.24
C HIS B 86 17.23 25.33 13.47
N ARG B 87 16.52 25.90 14.45
CA ARG B 87 16.67 27.33 14.74
C ARG B 87 18.14 27.67 15.04
N SER B 88 18.66 28.59 14.23
CA SER B 88 20.02 29.12 14.34
C SER B 88 21.13 28.06 14.25
N GLY B 89 20.96 27.08 13.36
CA GLY B 89 22.04 26.11 13.13
C GLY B 89 21.80 24.80 12.39
N THR B 90 22.87 24.00 12.35
CA THR B 90 22.89 22.74 11.63
C THR B 90 23.57 21.64 12.47
N THR B 91 23.07 20.41 12.35
CA THR B 91 23.70 19.26 12.94
C THR B 91 24.00 18.23 11.85
N THR B 92 25.24 17.75 11.78
CA THR B 92 25.62 16.65 10.90
C THR B 92 25.51 15.31 11.66
N TYR B 93 24.77 14.38 11.09
CA TYR B 93 24.55 13.06 11.69
C TYR B 93 25.22 12.00 10.83
N PRO B 94 25.67 10.90 11.45
CA PRO B 94 26.14 9.78 10.67
C PRO B 94 24.89 9.04 10.15
N ILE B 95 25.04 8.32 9.05
CA ILE B 95 24.02 7.39 8.54
C ILE B 95 24.73 6.04 8.54
N ILE B 96 24.19 5.09 9.28
CA ILE B 96 24.82 3.77 9.40
C ILE B 96 24.21 2.90 8.32
N ASP B 97 25.07 2.40 7.43
CA ASP B 97 24.58 1.67 6.25
C ASP B 97 25.50 0.52 5.82
N SER B 98 26.32 0.06 6.76
CA SER B 98 27.23 -1.04 6.50
C SER B 98 27.50 -1.76 7.83
N ALA B 99 27.87 -3.05 7.75
CA ALA B 99 28.23 -3.79 8.99
C ALA B 99 29.41 -3.08 9.69
N THR B 100 30.31 -2.47 8.92
CA THR B 100 31.47 -1.78 9.55
C THR B 100 31.05 -0.56 10.39
N GLY B 101 30.02 0.14 9.93
CA GLY B 101 29.44 1.24 10.70
C GLY B 101 28.88 0.72 12.03
N LEU B 102 28.26 -0.47 12.01
CA LEU B 102 27.78 -1.06 13.25
C LEU B 102 28.91 -1.50 14.18
N ALA B 103 30.03 -1.96 13.62
CA ALA B 103 31.23 -2.23 14.40
C ALA B 103 31.76 -0.93 15.08
N TRP B 104 31.70 0.21 14.39
CA TRP B 104 32.07 1.52 14.91
C TRP B 104 31.14 1.94 16.09
N ILE B 105 29.84 1.72 15.90
CA ILE B 105 28.81 1.86 16.99
C ILE B 105 29.19 1.02 18.22
N ALA B 106 29.51 -0.25 18.00
CA ALA B 106 29.88 -1.14 19.11
C ALA B 106 31.18 -0.66 19.77
N GLN B 107 32.13 -0.25 18.95
CA GLN B 107 33.43 0.15 19.48
C GLN B 107 33.34 1.33 20.45
N GLN B 108 32.43 2.24 20.17
CA GLN B 108 32.28 3.38 21.07
C GLN B 108 31.32 3.18 22.23
N ALA B 109 30.87 1.93 22.38
CA ALA B 109 29.87 1.59 23.40
C ALA B 109 28.61 2.43 23.21
N ALA B 110 28.28 2.69 21.93
CA ALA B 110 26.97 3.26 21.60
C ALA B 110 25.97 2.11 21.62
N LEU B 111 25.56 1.72 22.81
CA LEU B 111 24.72 0.54 22.91
C LEU B 111 23.44 0.81 22.16
N GLU B 112 22.95 2.04 22.23
CA GLU B 112 21.68 2.36 21.58
C GLU B 112 21.83 3.22 20.31
N VAL B 113 21.06 2.89 19.27
CA VAL B 113 21.01 3.62 18.01
C VAL B 113 19.53 4.06 17.90
N HIS B 114 19.32 5.37 17.73
CA HIS B 114 18.00 5.98 17.64
C HIS B 114 17.88 6.64 16.25
N VAL B 115 16.72 6.45 15.60
CA VAL B 115 16.49 7.00 14.27
C VAL B 115 15.06 7.58 14.19
N PRO B 116 14.87 8.61 13.35
CA PRO B 116 13.51 9.11 13.09
C PRO B 116 12.83 8.28 11.99
N GLN B 117 11.59 8.63 11.67
CA GLN B 117 10.75 7.78 10.82
C GLN B 117 10.79 8.22 9.37
N TRP B 118 11.64 9.20 9.10
CA TRP B 118 11.88 9.70 7.74
C TRP B 118 13.30 9.35 7.32
N ARG B 119 13.54 9.31 6.01
CA ARG B 119 14.88 9.13 5.45
C ARG B 119 15.32 10.36 4.68
N PHE B 120 16.64 10.53 4.60
CA PHE B 120 17.21 11.55 3.72
C PHE B 120 16.90 11.20 2.27
N VAL B 121 16.74 12.24 1.47
CA VAL B 121 16.53 12.10 0.03
C VAL B 121 17.51 13.02 -0.70
N ALA B 122 18.15 12.48 -1.72
CA ALA B 122 19.09 13.26 -2.52
C ALA B 122 18.29 14.13 -3.46
N GLU B 123 18.41 15.45 -3.29
CA GLU B 123 17.63 16.40 -4.07
C GLU B 123 18.06 16.45 -5.54
N PRO B 124 17.08 16.60 -6.47
CA PRO B 124 17.29 16.69 -7.91
C PRO B 124 18.43 17.64 -8.29
N GLY B 125 18.39 18.85 -7.72
CA GLY B 125 19.39 19.88 -7.94
C GLY B 125 20.84 19.41 -7.83
N SER B 126 21.34 19.33 -6.59
CA SER B 126 22.77 19.12 -6.36
C SER B 126 23.14 17.77 -5.72
N GLY B 127 22.18 16.85 -5.66
CA GLY B 127 22.43 15.52 -5.10
C GLY B 127 22.60 15.50 -3.58
N GLU B 128 22.56 16.69 -2.98
CA GLU B 128 22.63 16.88 -1.55
C GLU B 128 21.49 16.18 -0.83
N LEU B 129 21.81 15.56 0.30
CA LEU B 129 20.82 14.89 1.12
C LEU B 129 20.09 15.85 2.05
N ASN B 130 18.78 15.91 1.89
CA ASN B 130 17.90 16.64 2.79
C ASN B 130 16.83 15.74 3.39
N PRO B 131 16.27 16.10 4.58
CA PRO B 131 15.18 15.32 5.13
C PRO B 131 14.02 15.17 4.14
N GLY B 132 13.60 13.92 3.94
CA GLY B 132 12.47 13.60 3.07
C GLY B 132 11.25 13.32 3.92
N PRO B 133 10.19 12.76 3.32
CA PRO B 133 8.94 12.41 4.01
C PRO B 133 9.07 11.19 4.94
N ALA B 134 8.07 11.00 5.79
CA ALA B 134 8.03 9.81 6.64
C ALA B 134 7.78 8.59 5.77
N THR B 135 8.48 7.50 6.07
CA THR B 135 8.29 6.26 5.32
C THR B 135 7.40 5.30 6.09
N ARG B 136 7.29 5.55 7.39
CA ARG B 136 6.52 4.69 8.28
C ARG B 136 6.05 5.51 9.46
N LEU B 137 5.04 4.99 10.16
CA LEU B 137 4.53 5.52 11.42
C LEU B 137 5.11 4.68 12.51
N VAL B 138 5.43 5.33 13.64
CA VAL B 138 5.73 4.64 14.86
C VAL B 138 4.78 5.08 15.97
N PHE B 139 4.37 4.10 16.80
CA PHE B 139 3.65 4.37 18.03
C PHE B 139 4.48 3.78 19.15
N ASP B 140 4.69 4.57 20.19
CA ASP B 140 5.35 4.11 21.38
C ASP B 140 4.26 3.86 22.40
N LEU B 141 4.01 2.59 22.72
CA LEU B 141 3.03 2.24 23.75
C LEU B 141 3.77 2.11 25.06
N ASP B 142 3.57 3.11 25.91
CA ASP B 142 4.31 3.16 27.16
C ASP B 142 3.37 2.86 28.33
N PRO B 143 3.65 1.76 29.07
CA PRO B 143 2.75 1.39 30.17
C PRO B 143 2.96 2.25 31.42
N GLY B 144 1.86 2.77 31.97
CA GLY B 144 1.91 3.47 33.24
C GLY B 144 1.99 2.52 34.43
N GLU B 145 1.96 3.09 35.63
CA GLU B 145 2.01 2.31 36.87
C GLU B 145 0.93 1.21 36.92
N GLY B 146 1.36 -0.03 37.16
CA GLY B 146 0.45 -1.14 37.38
C GLY B 146 -0.13 -1.79 36.14
N VAL B 147 0.35 -1.36 34.97
CA VAL B 147 -0.07 -1.90 33.67
C VAL B 147 0.72 -3.16 33.33
N MET B 148 -0.01 -4.26 33.16
CA MET B 148 0.56 -5.56 32.78
C MET B 148 0.97 -5.54 31.30
N MET B 149 1.71 -6.56 30.87
CA MET B 149 2.06 -6.69 29.45
C MET B 149 0.82 -7.04 28.61
N ALA B 150 -0.12 -7.73 29.25
CA ALA B 150 -1.42 -8.09 28.64
C ALA B 150 -2.31 -6.90 28.25
N GLN B 151 -2.37 -5.88 29.11
CA GLN B 151 -3.02 -4.61 28.74
C GLN B 151 -2.27 -3.96 27.58
N LEU B 152 -0.93 -3.97 27.62
CA LEU B 152 -0.15 -3.43 26.51
C LEU B 152 -0.51 -4.11 25.19
N ALA B 153 -0.61 -5.44 25.23
CA ALA B 153 -0.93 -6.21 24.03
C ALA B 153 -2.35 -5.93 23.55
N GLU B 154 -3.29 -5.81 24.49
CA GLU B 154 -4.70 -5.49 24.16
C GLU B 154 -4.78 -4.14 23.46
N VAL B 155 -4.08 -3.17 24.03
CA VAL B 155 -4.03 -1.82 23.44
C VAL B 155 -3.36 -1.85 22.06
N ALA B 156 -2.27 -2.61 21.93
CA ALA B 156 -1.58 -2.75 20.65
C ALA B 156 -2.50 -3.33 19.56
N ARG B 157 -3.29 -4.34 19.92
CA ARG B 157 -4.21 -4.97 18.96
C ARG B 157 -5.25 -3.93 18.52
N ALA B 158 -5.66 -3.09 19.48
CA ALA B 158 -6.62 -2.00 19.20
C ALA B 158 -6.08 -0.97 18.20
N VAL B 159 -4.80 -0.61 18.34
CA VAL B 159 -4.12 0.24 17.38
C VAL B 159 -4.00 -0.44 16.02
N ARG B 160 -3.60 -1.71 16.02
CA ARG B 160 -3.50 -2.46 14.79
C ARG B 160 -4.83 -2.44 14.03
N ASP B 161 -5.93 -2.74 14.73
CA ASP B 161 -7.26 -2.76 14.13
C ASP B 161 -7.63 -1.43 13.47
N LEU B 162 -7.28 -0.31 14.13
CA LEU B 162 -7.61 1.02 13.61
C LEU B 162 -6.83 1.37 12.35
N LEU B 163 -5.56 0.94 12.31
CA LEU B 163 -4.70 1.16 11.13
C LEU B 163 -5.12 0.24 9.98
N ALA B 164 -5.55 -0.98 10.31
CA ALA B 164 -6.10 -1.92 9.34
C ALA B 164 -7.34 -1.33 8.67
N ASP B 165 -8.14 -0.61 9.46
CA ASP B 165 -9.37 0.02 8.96
C ASP B 165 -9.10 1.03 7.86
N ILE B 166 -7.87 1.56 7.82
CA ILE B 166 -7.44 2.46 6.72
C ILE B 166 -6.41 1.84 5.75
N GLY B 167 -6.34 0.51 5.74
CA GLY B 167 -5.52 -0.24 4.80
C GLY B 167 -4.05 -0.41 5.19
N LEU B 168 -3.70 -0.07 6.43
CA LEU B 168 -2.31 -0.14 6.88
C LEU B 168 -1.97 -1.41 7.66
N VAL B 169 -0.73 -1.86 7.55
CA VAL B 169 -0.24 -3.06 8.20
C VAL B 169 0.66 -2.62 9.37
N THR B 170 0.60 -3.35 10.49
CA THR B 170 1.30 -2.97 11.73
C THR B 170 2.17 -4.12 12.22
N PHE B 171 3.39 -3.76 12.65
CA PHE B 171 4.44 -4.69 13.10
C PHE B 171 4.83 -4.35 14.53
N PRO B 172 4.68 -5.31 15.48
CA PRO B 172 5.08 -5.05 16.87
C PRO B 172 6.56 -5.32 17.14
N VAL B 173 7.12 -4.52 18.04
CA VAL B 173 8.53 -4.59 18.42
C VAL B 173 8.57 -4.26 19.93
N THR B 174 8.82 -5.26 20.76
CA THR B 174 8.96 -5.00 22.19
C THR B 174 10.25 -4.16 22.35
N SER B 175 10.16 -3.06 23.11
CA SER B 175 11.22 -2.04 23.04
C SER B 175 12.56 -2.43 23.71
N GLY B 176 12.53 -3.44 24.57
CA GLY B 176 13.71 -3.85 25.36
C GLY B 176 13.68 -3.17 26.71
N SER B 177 12.77 -2.22 26.85
CA SER B 177 12.69 -1.44 28.06
C SER B 177 11.40 -1.90 28.76
N LYS B 178 10.40 -1.02 28.87
CA LYS B 178 9.14 -1.38 29.51
C LYS B 178 8.01 -1.67 28.53
N GLY B 179 8.01 -0.96 27.41
CA GLY B 179 6.88 -0.97 26.48
C GLY B 179 7.07 -1.65 25.14
N LEU B 180 6.26 -1.19 24.18
CA LEU B 180 6.06 -1.87 22.94
C LEU B 180 6.04 -0.76 21.91
N HIS B 181 6.77 -0.93 20.82
CA HIS B 181 6.62 -0.06 19.65
C HIS B 181 5.88 -0.75 18.54
N LEU B 182 5.06 0.04 17.83
CA LEU B 182 4.29 -0.44 16.69
C LEU B 182 4.75 0.35 15.46
N TYR B 183 5.15 -0.36 14.40
CA TYR B 183 5.59 0.29 13.17
C TYR B 183 4.60 -0.03 12.07
N THR B 184 4.30 0.96 11.24
CA THR B 184 3.39 0.78 10.13
C THR B 184 3.99 1.43 8.89
N PRO B 185 4.33 0.63 7.85
CA PRO B 185 4.91 1.26 6.67
C PRO B 185 3.85 2.06 5.91
N LEU B 186 4.22 3.25 5.42
CA LEU B 186 3.30 4.06 4.65
C LEU B 186 3.39 3.67 3.19
N ASP B 187 2.26 3.69 2.50
CA ASP B 187 2.25 3.41 1.07
C ASP B 187 2.79 4.61 0.29
N GLU B 188 2.08 5.72 0.38
CA GLU B 188 2.54 6.96 -0.19
C GLU B 188 3.22 7.69 0.96
N PRO B 189 4.46 8.17 0.76
CA PRO B 189 5.05 8.80 1.94
C PRO B 189 4.37 10.17 2.13
N VAL B 190 4.34 10.63 3.37
CA VAL B 190 3.67 11.87 3.73
C VAL B 190 4.71 12.62 4.54
N SER B 191 4.56 13.93 4.65
CA SER B 191 5.44 14.75 5.48
C SER B 191 5.37 14.26 6.93
N SER B 192 6.44 14.51 7.68
CA SER B 192 6.45 14.13 9.09
C SER B 192 5.30 14.82 9.82
N ARG B 193 5.01 16.07 9.42
CA ARG B 193 3.90 16.84 10.01
C ARG B 193 2.59 16.07 9.80
N GLY B 194 2.36 15.59 8.58
CA GLY B 194 1.11 14.90 8.24
C GLY B 194 1.01 13.51 8.85
N ALA B 195 2.15 12.84 8.99
CA ALA B 195 2.24 11.53 9.65
C ALA B 195 1.84 11.66 11.12
N THR B 196 2.25 12.77 11.72
CA THR B 196 2.04 13.02 13.14
C THR B 196 0.56 13.34 13.34
N VAL B 197 0.00 14.15 12.44
CA VAL B 197 -1.46 14.38 12.40
C VAL B 197 -2.25 13.03 12.41
N LEU B 198 -1.87 12.14 11.50
CA LEU B 198 -2.55 10.86 11.35
C LEU B 198 -2.42 9.97 12.60
N ALA B 199 -1.18 9.84 13.10
CA ALA B 199 -0.90 9.12 14.34
C ALA B 199 -1.65 9.69 15.56
N LYS B 200 -1.68 11.02 15.70
CA LYS B 200 -2.42 11.70 16.77
C LYS B 200 -3.91 11.36 16.72
N ARG B 201 -4.46 11.34 15.50
CA ARG B 201 -5.87 11.03 15.26
C ARG B 201 -6.21 9.61 15.72
N VAL B 202 -5.31 8.67 15.42
CA VAL B 202 -5.47 7.28 15.82
C VAL B 202 -5.45 7.15 17.35
N ALA B 203 -4.48 7.81 18.00
CA ALA B 203 -4.31 7.79 19.47
C ALA B 203 -5.55 8.36 20.15
N GLN B 204 -6.05 9.47 19.63
CA GLN B 204 -7.21 10.15 20.23
C GLN B 204 -8.46 9.33 20.04
N ARG B 205 -8.60 8.69 18.88
CA ARG B 205 -9.73 7.82 18.63
C ARG B 205 -9.75 6.69 19.65
N LEU B 206 -8.58 6.07 19.86
CA LEU B 206 -8.51 4.95 20.79
C LEU B 206 -8.81 5.39 22.23
N GLU B 207 -8.25 6.54 22.61
CA GLU B 207 -8.52 7.13 23.90
C GLU B 207 -10.00 7.39 24.14
N GLN B 208 -10.70 7.93 23.14
CA GLN B 208 -12.15 8.18 23.28
C GLN B 208 -12.92 6.84 23.49
N ALA B 209 -12.46 5.78 22.82
CA ALA B 209 -13.08 4.45 22.95
C ALA B 209 -12.85 3.79 24.31
N MET B 210 -11.65 3.95 24.87
CA MET B 210 -11.28 3.28 26.12
C MET B 210 -10.43 4.20 27.01
N PRO B 211 -11.02 5.32 27.49
CA PRO B 211 -10.30 6.34 28.25
C PRO B 211 -9.71 5.80 29.56
N ALA B 212 -10.26 4.71 30.10
CA ALA B 212 -9.67 4.12 31.31
C ALA B 212 -8.38 3.34 31.03
N LEU B 213 -8.16 2.95 29.78
CA LEU B 213 -7.06 2.05 29.45
C LEU B 213 -5.99 2.74 28.61
N VAL B 214 -6.37 3.84 27.99
CA VAL B 214 -5.52 4.52 27.02
C VAL B 214 -5.53 6.03 27.26
N THR B 215 -4.35 6.64 27.18
CA THR B 215 -4.22 8.09 27.12
C THR B 215 -3.40 8.53 25.88
N SER B 216 -3.76 9.66 25.28
CA SER B 216 -3.03 10.24 24.15
C SER B 216 -2.09 11.36 24.59
N THR B 217 -2.04 11.62 25.91
CA THR B 217 -1.26 12.70 26.47
C THR B 217 -0.20 12.16 27.44
N MET B 218 0.94 12.84 27.45
CA MET B 218 2.16 12.42 28.12
C MET B 218 2.12 12.59 29.66
N THR B 219 1.23 13.46 30.13
CA THR B 219 1.18 13.88 31.54
C THR B 219 1.26 12.70 32.56
N LYS B 220 2.34 12.69 33.35
CA LYS B 220 2.67 11.55 34.21
C LYS B 220 1.61 11.16 35.25
N SER B 221 0.94 12.15 35.84
CA SER B 221 -0.01 11.89 36.93
C SER B 221 -1.29 11.17 36.48
N LEU B 222 -1.66 11.33 35.22
CA LEU B 222 -2.86 10.68 34.69
C LEU B 222 -2.53 9.42 33.89
N ARG B 223 -1.30 8.93 34.04
CA ARG B 223 -0.87 7.76 33.28
C ARG B 223 -1.03 6.42 34.01
N ALA B 224 -1.24 6.49 35.32
CA ALA B 224 -1.53 5.30 36.15
C ALA B 224 -2.64 4.38 35.59
N GLY B 225 -2.34 3.09 35.48
CA GLY B 225 -3.31 2.11 34.93
C GLY B 225 -3.59 2.23 33.44
N LYS B 226 -2.88 3.15 32.76
CA LYS B 226 -3.14 3.46 31.35
C LYS B 226 -1.92 3.21 30.48
N VAL B 227 -2.16 2.81 29.23
CA VAL B 227 -1.10 2.78 28.23
C VAL B 227 -1.09 4.17 27.57
N PHE B 228 0.03 4.85 27.67
CA PHE B 228 0.26 6.07 26.89
C PHE B 228 0.57 5.67 25.43
N VAL B 229 -0.38 5.95 24.54
CA VAL B 229 -0.20 5.75 23.09
C VAL B 229 0.42 7.00 22.51
N ASP B 230 1.76 6.97 22.49
CA ASP B 230 2.55 8.13 22.13
C ASP B 230 2.68 8.20 20.63
N TRP B 231 2.02 9.21 20.05
CA TRP B 231 1.97 9.49 18.62
C TRP B 231 3.03 10.53 18.23
N SER B 232 3.64 11.15 19.24
CA SER B 232 4.47 12.36 19.04
C SER B 232 5.87 12.08 18.43
N GLN B 233 6.30 10.82 18.44
CA GLN B 233 7.62 10.46 17.91
C GLN B 233 7.68 10.44 16.38
N ASN B 234 6.52 10.67 15.76
CA ASN B 234 6.46 10.89 14.31
C ASN B 234 6.85 12.30 13.86
N SER B 235 6.98 13.20 14.85
CA SER B 235 7.52 14.52 14.61
C SER B 235 8.91 14.42 13.99
N GLY B 236 9.18 15.29 13.03
CA GLY B 236 10.46 15.31 12.31
C GLY B 236 11.66 15.50 13.21
N SER B 237 11.47 16.13 14.37
CA SER B 237 12.56 16.42 15.31
C SER B 237 12.81 15.32 16.37
N LYS B 238 11.98 14.28 16.37
CA LYS B 238 12.05 13.18 17.33
C LYS B 238 12.74 11.96 16.75
N THR B 239 13.31 11.13 17.63
CA THR B 239 13.93 9.87 17.21
C THR B 239 13.42 8.75 18.11
N THR B 240 13.54 7.51 17.64
CA THR B 240 13.04 6.34 18.38
C THR B 240 14.08 5.24 18.28
N ILE B 241 14.24 4.49 19.36
CA ILE B 241 15.15 3.34 19.38
C ILE B 241 14.98 2.46 18.09
N ALA B 242 16.10 2.17 17.41
CA ALA B 242 16.04 1.38 16.15
C ALA B 242 15.70 -0.08 16.43
N PRO B 243 14.88 -0.70 15.56
CA PRO B 243 14.73 -2.16 15.69
C PRO B 243 16.10 -2.86 15.69
N TYR B 244 16.21 -3.89 16.52
CA TYR B 244 17.45 -4.65 16.76
C TYR B 244 18.51 -3.92 17.59
N SER B 245 18.28 -2.66 17.93
CA SER B 245 19.22 -2.00 18.88
C SER B 245 19.23 -2.69 20.25
N LEU B 246 20.42 -2.82 20.81
CA LEU B 246 20.55 -3.09 22.23
C LEU B 246 19.94 -1.92 23.02
N ARG B 247 19.64 -2.19 24.29
CA ARG B 247 19.26 -1.17 25.27
C ARG B 247 20.31 -1.04 26.39
N GLY B 248 20.58 0.20 26.80
CA GLY B 248 21.45 0.49 27.95
C GLY B 248 20.65 0.34 29.21
N ARG B 249 20.41 -0.91 29.58
CA ARG B 249 19.63 -1.22 30.78
C ARG B 249 20.37 -2.29 31.50
N THR B 250 19.89 -2.64 32.69
CA THR B 250 20.63 -3.61 33.53
C THR B 250 20.93 -4.93 32.80
N HIS B 251 19.96 -5.44 32.05
CA HIS B 251 20.19 -6.60 31.22
C HIS B 251 20.23 -6.21 29.74
N PRO B 252 21.03 -6.95 28.94
CA PRO B 252 21.18 -6.61 27.52
C PRO B 252 19.99 -7.00 26.63
N THR B 253 18.87 -6.34 26.86
CA THR B 253 17.66 -6.61 26.08
C THR B 253 17.72 -5.79 24.79
N VAL B 254 16.78 -6.07 23.90
CA VAL B 254 16.82 -5.52 22.54
C VAL B 254 15.44 -5.00 22.10
N ALA B 255 15.41 -4.01 21.21
CA ALA B 255 14.16 -3.62 20.57
C ALA B 255 13.85 -4.74 19.53
N ALA B 256 13.13 -5.75 19.99
CA ALA B 256 13.04 -7.03 19.24
C ALA B 256 11.70 -7.16 18.49
N PRO B 257 11.76 -7.32 17.14
CA PRO B 257 10.48 -7.56 16.44
C PRO B 257 9.82 -8.85 16.89
N ARG B 258 8.49 -8.83 16.92
CA ARG B 258 7.69 -9.93 17.45
C ARG B 258 6.54 -10.28 16.48
N THR B 259 5.93 -11.44 16.71
CA THR B 259 4.68 -11.74 16.03
C THR B 259 3.51 -11.28 16.89
N TRP B 260 2.38 -11.06 16.22
CA TRP B 260 1.12 -10.78 16.90
C TRP B 260 0.76 -11.91 17.87
N ALA B 261 0.98 -13.15 17.43
CA ALA B 261 0.76 -14.34 18.27
C ALA B 261 1.57 -14.31 19.57
N GLU B 262 2.83 -13.89 19.47
CA GLU B 262 3.69 -13.77 20.65
C GLU B 262 3.12 -12.78 21.67
N LEU B 263 2.48 -11.73 21.15
CA LEU B 263 1.85 -10.71 21.98
C LEU B 263 0.60 -11.22 22.70
N ASP B 264 0.03 -12.32 22.19
CA ASP B 264 -1.10 -13.01 22.81
C ASP B 264 -0.74 -13.81 24.07
N ASP B 265 0.56 -13.99 24.32
CA ASP B 265 1.05 -14.80 25.43
C ASP B 265 0.99 -14.02 26.75
N PRO B 266 0.29 -14.56 27.77
CA PRO B 266 0.28 -13.88 29.06
C PRO B 266 1.67 -13.73 29.68
N ALA B 267 2.60 -14.61 29.31
CA ALA B 267 3.97 -14.56 29.79
C ALA B 267 4.87 -13.60 28.98
N LEU B 268 4.31 -12.87 28.02
CA LEU B 268 5.07 -11.93 27.17
C LEU B 268 6.16 -11.18 27.95
N ARG B 269 7.39 -11.18 27.43
CA ARG B 269 8.49 -10.43 28.06
C ARG B 269 9.46 -9.85 27.05
N GLN B 270 10.36 -9.01 27.54
CA GLN B 270 11.41 -8.46 26.69
C GLN B 270 12.42 -9.57 26.36
N LEU B 271 13.05 -9.45 25.21
CA LEU B 271 14.01 -10.45 24.71
C LEU B 271 15.44 -9.95 24.84
N SER B 272 16.34 -10.87 25.16
CA SER B 272 17.75 -10.58 25.28
C SER B 272 18.44 -10.75 23.91
N TYR B 273 19.60 -10.12 23.75
CA TYR B 273 20.35 -10.12 22.46
C TYR B 273 20.60 -11.55 21.96
N ASP B 274 20.92 -12.46 22.88
CA ASP B 274 21.20 -13.87 22.48
C ASP B 274 19.96 -14.55 21.86
N GLU B 275 18.79 -14.22 22.38
CA GLU B 275 17.56 -14.75 21.84
C GLU B 275 17.22 -14.17 20.48
N VAL B 276 17.49 -12.88 20.32
CA VAL B 276 17.23 -12.19 19.04
C VAL B 276 18.05 -12.86 17.94
N LEU B 277 19.30 -13.20 18.25
CA LEU B 277 20.16 -13.87 17.26
C LEU B 277 19.64 -15.26 16.81
N THR B 278 19.25 -16.07 17.78
CA THR B 278 18.67 -17.39 17.48
C THR B 278 17.36 -17.27 16.71
N ARG B 279 16.56 -16.25 17.04
CA ARG B 279 15.29 -16.00 16.31
C ARG B 279 15.54 -15.60 14.83
N ILE B 280 16.57 -14.78 14.57
CA ILE B 280 16.95 -14.41 13.18
C ILE B 280 17.31 -15.63 12.34
N ALA B 281 18.15 -16.48 12.93
CA ALA B 281 18.45 -17.80 12.35
C ALA B 281 17.19 -18.58 11.95
N ARG B 282 16.21 -18.63 12.84
CA ARG B 282 15.02 -19.47 12.66
C ARG B 282 14.03 -18.87 11.66
N ASP B 283 13.76 -17.58 11.81
CA ASP B 283 12.64 -16.92 11.11
C ASP B 283 13.03 -15.75 10.21
N GLY B 284 14.31 -15.40 10.15
CA GLY B 284 14.74 -14.19 9.46
C GLY B 284 14.23 -12.91 10.11
N ASP B 285 14.03 -11.87 9.30
CA ASP B 285 13.59 -10.56 9.79
C ASP B 285 12.06 -10.48 9.72
N LEU B 286 11.42 -10.44 10.87
CA LEU B 286 9.97 -10.29 10.96
C LEU B 286 9.53 -8.92 10.42
N LEU B 287 10.47 -7.98 10.33
CA LEU B 287 10.25 -6.66 9.79
C LEU B 287 10.63 -6.51 8.31
N GLU B 288 10.91 -7.63 7.63
CA GLU B 288 11.23 -7.65 6.20
C GLU B 288 10.44 -6.67 5.34
N ARG B 289 9.14 -6.55 5.63
CA ARG B 289 8.22 -5.76 4.81
C ARG B 289 8.10 -4.30 5.25
N LEU B 290 8.77 -3.95 6.34
CA LEU B 290 8.70 -2.58 6.84
C LEU B 290 9.41 -1.55 5.95
N ASP B 291 10.59 -1.91 5.44
CA ASP B 291 11.42 -0.96 4.67
C ASP B 291 11.83 -1.51 3.29
MN MN C . -7.53 5.81 -21.98
PG DGT D . -9.93 5.54 -24.05
O1G DGT D . -10.50 6.18 -25.28
O2G DGT D . -8.96 6.46 -23.33
O3G DGT D . -9.40 4.14 -24.30
O3B DGT D . -11.20 5.29 -23.07
PB DGT D . -11.14 4.83 -21.51
O1B DGT D . -12.24 3.84 -21.26
O2B DGT D . -9.75 4.46 -21.08
O3A DGT D . -11.51 6.22 -20.73
PA DGT D . -12.96 6.92 -20.85
O1A DGT D . -12.89 8.32 -20.29
O2A DGT D . -13.43 6.78 -22.28
O5' DGT D . -13.87 6.01 -19.85
C5' DGT D . -13.62 5.96 -18.44
C4' DGT D . -13.00 7.25 -17.88
O4' DGT D . -14.00 8.08 -17.27
C3' DGT D . -11.91 7.03 -16.86
O3' DGT D . -10.63 7.14 -17.50
C2' DGT D . -12.09 8.15 -15.84
C1' DGT D . -13.49 8.70 -16.09
N9 DGT D . -14.42 8.34 -15.00
C8 DGT D . -14.47 7.16 -14.37
N7 DGT D . -15.43 7.12 -13.41
C5 DGT D . -16.01 8.34 -13.42
C6 DGT D . -17.10 8.97 -12.65
O6 DGT D . -17.68 8.33 -11.77
N1 DGT D . -17.43 10.24 -12.95
C2 DGT D . -16.80 10.94 -13.92
N2 DGT D . -17.19 12.22 -14.17
N3 DGT D . -15.78 10.41 -14.67
C4 DGT D . -15.35 9.14 -14.47
MN MN E . 7.53 4.12 25.99
PG DGT F . 10.31 2.34 27.22
O1G DGT F . 9.77 1.08 26.58
O2G DGT F . 10.83 2.14 28.63
O3G DGT F . 9.41 3.56 27.10
O3B DGT F . 11.61 2.70 26.33
PB DGT F . 11.53 3.41 24.89
O1B DGT F . 12.66 2.91 24.03
O2B DGT F . 10.11 3.31 24.36
O3A DGT F . 11.79 4.97 25.24
PA DGT F . 13.12 5.48 26.00
O1A DGT F . 13.08 4.95 27.42
O2A DGT F . 14.31 5.20 25.12
O5' DGT F . 12.92 7.09 26.08
C5' DGT F . 13.90 7.92 26.71
C4' DGT F . 13.22 8.87 27.69
O4' DGT F . 14.02 9.02 28.88
C3' DGT F . 12.99 10.25 27.07
O3' DGT F . 11.50 10.58 27.33
C2' DGT F . 13.95 11.26 27.87
C1' DGT F . 14.22 10.42 29.21
#